data_6CBC
#
_entry.id   6CBC
#
_cell.length_a   58.933
_cell.length_b   85.984
_cell.length_c   71.027
_cell.angle_alpha   90.00
_cell.angle_beta   93.67
_cell.angle_gamma   90.00
#
_symmetry.space_group_name_H-M   'P 1 21 1'
#
_entity_poly.entity_id   1
_entity_poly.type   'polypeptide(L)'
_entity_poly.pdbx_seq_one_letter_code
;(MSE)LEGLVAGLLNRFLG(MSE)YVKNFDPKQLKWEVWNGKVRLDNLELQREALDQLKLPINVIKGHLGHLVLHIPWKT
LASEQVKINIEDVFLLASPKEEAEYDEDEEARRRHRLK(MSE)EKLDSAELLKERSQEGLSEEEQKRTQTFAQALVTKIV
DNLQITIRNIHIRYEDAISAPGHPFALGITLEEFSAVSTDSDWTPAFITSIQSAHKLATLESLAIYWDTDAKLIGPGREH
HEHDE(MSE)LKFFRE(MSE)IAKGEADLSSEHQFILKPVSGQAKIEIDKTGSHTVPRYKANLLFDEIGVVLDDQQYRDA
L(MSE)(MSE)VDLFHYFIRHQEYKKFQPKGVTPKEDGHHHHHH
;
_entity_poly.pdbx_strand_id   A,B
#
# COMPACT_ATOMS: atom_id res chain seq x y z
N VAL A 6 -39.22 -0.38 -14.23
CA VAL A 6 -38.38 -1.55 -14.01
C VAL A 6 -37.62 -1.88 -15.28
N ALA A 7 -38.33 -2.50 -16.20
CA ALA A 7 -37.74 -2.91 -17.45
C ALA A 7 -37.24 -1.71 -18.21
N GLY A 8 -37.99 -0.62 -18.22
CA GLY A 8 -37.54 0.55 -18.93
C GLY A 8 -36.25 1.06 -18.34
N LEU A 9 -36.13 1.11 -17.02
CA LEU A 9 -34.90 1.61 -16.43
C LEU A 9 -33.73 0.75 -16.85
N LEU A 10 -33.92 -0.57 -16.76
CA LEU A 10 -32.84 -1.47 -17.08
C LEU A 10 -32.47 -1.29 -18.50
N ASN A 11 -33.45 -1.25 -19.38
CA ASN A 11 -33.17 -1.14 -20.77
C ASN A 11 -32.45 0.13 -21.10
N ARG A 12 -32.87 1.26 -20.56
CA ARG A 12 -32.19 2.49 -20.93
C ARG A 12 -30.75 2.51 -20.46
N PHE A 13 -30.55 2.09 -19.21
CA PHE A 13 -29.21 2.12 -18.67
C PHE A 13 -28.32 1.16 -19.44
N LEU A 14 -28.87 -0.02 -19.69
CA LEU A 14 -28.11 -1.02 -20.36
C LEU A 14 -27.77 -0.59 -21.74
N GLY A 15 -28.75 0.00 -22.40
CA GLY A 15 -28.58 0.46 -23.75
C GLY A 15 -27.34 1.28 -23.87
N TYR A 17 -24.61 1.76 -21.80
CA TYR A 17 -23.34 1.15 -21.51
C TYR A 17 -22.99 0.13 -22.58
N VAL A 18 -23.96 -0.68 -22.94
CA VAL A 18 -23.76 -1.71 -23.94
C VAL A 18 -23.88 -1.08 -25.31
N PRO A 23 -33.34 -5.53 -27.69
CA PRO A 23 -33.86 -5.00 -26.43
C PRO A 23 -35.25 -5.51 -26.18
N LYS A 24 -35.94 -5.84 -27.26
CA LYS A 24 -37.30 -6.33 -27.22
C LYS A 24 -37.38 -7.65 -26.49
N GLN A 25 -36.40 -8.50 -26.72
CA GLN A 25 -36.38 -9.83 -26.12
C GLN A 25 -36.35 -9.75 -24.59
N LEU A 26 -35.60 -8.79 -24.04
CA LEU A 26 -35.57 -8.68 -22.59
C LEU A 26 -36.96 -8.34 -22.14
N LYS A 27 -37.48 -9.12 -21.21
CA LYS A 27 -38.85 -8.99 -20.79
C LYS A 27 -38.97 -8.75 -19.30
N TRP A 28 -37.85 -8.89 -18.59
CA TRP A 28 -37.80 -8.74 -17.13
C TRP A 28 -38.79 -9.62 -16.38
N GLU A 29 -38.96 -10.85 -16.85
CA GLU A 29 -39.90 -11.83 -16.29
C GLU A 29 -39.94 -11.92 -14.79
N LYS A 34 -36.03 -14.09 -13.99
CA LYS A 34 -34.88 -14.56 -14.72
C LYS A 34 -34.63 -13.65 -15.92
N VAL A 35 -33.36 -13.57 -16.30
CA VAL A 35 -32.92 -13.00 -17.57
C VAL A 35 -31.63 -13.72 -17.95
N ARG A 36 -31.21 -13.58 -19.21
CA ARG A 36 -29.99 -14.22 -19.68
C ARG A 36 -29.45 -13.43 -20.86
N LEU A 37 -28.14 -13.20 -20.84
CA LEU A 37 -27.46 -12.47 -21.91
C LEU A 37 -26.10 -13.10 -22.15
N ASP A 38 -25.56 -12.86 -23.34
CA ASP A 38 -24.26 -13.41 -23.73
C ASP A 38 -23.60 -12.50 -24.76
N ASN A 39 -22.26 -12.42 -24.68
CA ASN A 39 -21.44 -11.81 -25.73
C ASN A 39 -21.78 -10.33 -25.94
N LEU A 40 -21.90 -9.61 -24.84
CA LEU A 40 -22.21 -8.18 -24.87
C LEU A 40 -20.91 -7.41 -25.00
N GLU A 41 -20.81 -6.56 -26.01
CA GLU A 41 -19.61 -5.75 -26.19
C GLU A 41 -19.87 -4.32 -25.78
N LEU A 42 -19.14 -3.87 -24.78
CA LEU A 42 -19.33 -2.55 -24.24
C LEU A 42 -19.03 -1.46 -25.22
N GLN A 43 -19.59 -0.30 -24.95
CA GLN A 43 -19.37 0.85 -25.79
C GLN A 43 -17.99 1.42 -25.57
N ARG A 44 -17.48 2.10 -26.58
CA ARG A 44 -16.18 2.77 -26.52
C ARG A 44 -16.18 3.99 -25.62
N GLU A 45 -17.34 4.58 -25.39
CA GLU A 45 -17.51 5.76 -24.56
C GLU A 45 -18.12 5.44 -23.21
N ALA A 46 -17.92 4.23 -22.72
CA ALA A 46 -18.53 3.84 -21.45
C ALA A 46 -18.14 4.75 -20.28
N LEU A 47 -16.90 5.19 -20.21
CA LEU A 47 -16.51 6.07 -19.12
C LEU A 47 -15.82 7.33 -19.64
N LEU A 52 -11.28 8.08 -15.09
CA LEU A 52 -10.25 7.37 -15.84
C LEU A 52 -10.21 7.85 -17.28
N PRO A 53 -9.02 8.11 -17.81
CA PRO A 53 -8.76 8.58 -19.17
C PRO A 53 -8.55 7.46 -20.16
N ILE A 54 -8.68 6.23 -19.71
CA ILE A 54 -8.52 5.15 -20.63
C ILE A 54 -9.57 5.21 -21.72
N ASN A 55 -9.15 4.98 -22.95
CA ASN A 55 -10.06 4.92 -24.07
C ASN A 55 -10.25 3.44 -24.19
N VAL A 56 -11.48 2.96 -24.21
CA VAL A 56 -11.62 1.54 -24.26
C VAL A 56 -11.33 1.12 -25.67
N ILE A 57 -10.20 0.49 -25.88
CA ILE A 57 -9.86 0.04 -27.21
C ILE A 57 -10.88 -1.01 -27.61
N LYS A 58 -11.14 -1.94 -26.70
CA LYS A 58 -12.16 -2.95 -26.89
C LYS A 58 -12.58 -3.41 -25.54
N GLY A 59 -13.83 -3.77 -25.41
CA GLY A 59 -14.36 -4.28 -24.16
C GLY A 59 -15.38 -5.36 -24.44
N HIS A 60 -15.41 -6.41 -23.61
CA HIS A 60 -16.28 -7.53 -23.89
C HIS A 60 -16.74 -8.17 -22.59
N LEU A 61 -18.04 -8.45 -22.51
CA LEU A 61 -18.64 -9.23 -21.44
C LEU A 61 -19.20 -10.51 -22.04
N GLY A 62 -18.61 -11.65 -21.64
CA GLY A 62 -19.02 -12.93 -22.15
C GLY A 62 -20.46 -13.29 -21.85
N HIS A 63 -20.82 -13.36 -20.57
CA HIS A 63 -22.12 -13.91 -20.18
C HIS A 63 -22.65 -13.18 -18.95
N LEU A 64 -23.98 -13.03 -18.87
CA LEU A 64 -24.59 -12.26 -17.80
C LEU A 64 -25.97 -12.82 -17.46
N VAL A 65 -26.33 -12.76 -16.18
CA VAL A 65 -27.59 -13.32 -15.68
C VAL A 65 -28.09 -12.46 -14.52
N LEU A 66 -29.36 -12.07 -14.59
CA LEU A 66 -30.08 -11.40 -13.51
C LEU A 66 -31.25 -12.26 -13.05
N HIS A 67 -31.41 -12.48 -11.76
CA HIS A 67 -32.53 -13.26 -11.33
C HIS A 67 -33.33 -12.37 -10.44
N ILE A 68 -34.48 -11.91 -10.92
CA ILE A 68 -35.34 -11.04 -10.11
C ILE A 68 -36.53 -11.77 -9.58
N PRO A 69 -36.78 -11.63 -8.28
CA PRO A 69 -37.93 -12.14 -7.57
C PRO A 69 -38.93 -11.00 -7.66
N TRP A 70 -39.53 -10.77 -8.82
CA TRP A 70 -40.44 -9.63 -8.97
C TRP A 70 -41.66 -9.69 -8.07
N LYS A 71 -42.27 -10.86 -7.97
CA LYS A 71 -43.44 -11.03 -7.11
C LYS A 71 -43.10 -10.82 -5.64
N THR A 72 -41.95 -11.34 -5.24
CA THR A 72 -41.51 -11.26 -3.85
C THR A 72 -40.47 -10.20 -3.59
N LEU A 73 -40.36 -9.22 -4.47
CA LEU A 73 -39.35 -8.17 -4.28
C LEU A 73 -39.66 -7.42 -3.00
N ALA A 74 -38.60 -6.90 -2.36
CA ALA A 74 -38.61 -6.12 -1.11
C ALA A 74 -38.83 -6.89 0.16
N SER A 75 -38.83 -8.20 0.02
CA SER A 75 -38.96 -9.14 1.11
C SER A 75 -37.68 -9.93 1.18
N GLU A 76 -37.09 -10.17 0.00
CA GLU A 76 -35.86 -10.92 -0.10
C GLU A 76 -34.95 -10.35 -1.17
N GLN A 77 -33.66 -10.57 -0.97
CA GLN A 77 -32.59 -10.13 -1.86
C GLN A 77 -32.64 -10.70 -3.28
N VAL A 78 -32.13 -9.91 -4.20
CA VAL A 78 -32.03 -10.23 -5.63
C VAL A 78 -30.78 -11.02 -5.94
N LYS A 79 -30.43 -11.23 -7.21
CA LYS A 79 -29.17 -11.91 -7.54
C LYS A 79 -28.74 -11.57 -8.97
N ILE A 80 -27.46 -11.35 -9.22
CA ILE A 80 -26.96 -11.12 -10.58
C ILE A 80 -25.66 -11.92 -10.61
N ASN A 81 -25.40 -12.76 -11.62
CA ASN A 81 -24.16 -13.53 -11.73
C ASN A 81 -23.55 -13.16 -13.07
N ILE A 82 -22.29 -12.73 -13.10
CA ILE A 82 -21.65 -12.35 -14.36
C ILE A 82 -20.50 -13.28 -14.70
N GLU A 83 -20.49 -13.88 -15.87
CA GLU A 83 -19.37 -14.76 -16.20
C GLU A 83 -18.65 -14.11 -17.36
N ASP A 84 -17.33 -14.28 -17.42
CA ASP A 84 -16.46 -13.77 -18.53
C ASP A 84 -16.39 -12.29 -18.99
N VAL A 85 -15.98 -11.35 -18.13
CA VAL A 85 -15.94 -9.95 -18.53
C VAL A 85 -14.47 -9.53 -18.74
N PHE A 86 -14.10 -8.88 -19.84
CA PHE A 86 -12.68 -8.49 -20.08
C PHE A 86 -12.59 -7.01 -20.40
N LEU A 87 -11.47 -6.34 -20.23
CA LEU A 87 -11.58 -4.92 -20.63
C LEU A 87 -10.19 -4.59 -21.23
N LEU A 88 -10.10 -3.93 -22.37
CA LEU A 88 -8.78 -3.61 -22.94
C LEU A 88 -8.70 -2.07 -23.01
N ALA A 89 -7.59 -1.44 -22.63
CA ALA A 89 -7.53 0.04 -22.66
C ALA A 89 -6.19 0.66 -23.08
N SER A 90 -6.14 1.97 -23.29
CA SER A 90 -4.90 2.62 -23.70
C SER A 90 -5.00 4.09 -23.33
N PRO A 91 -3.87 4.76 -23.27
CA PRO A 91 -3.85 6.19 -22.99
C PRO A 91 -4.51 6.95 -24.10
N LYS A 92 -4.79 8.22 -23.91
CA LYS A 92 -5.41 8.97 -24.98
C LYS A 92 -4.94 10.42 -25.09
N GLU A 93 -4.97 10.97 -26.30
CA GLU A 93 -4.60 12.36 -26.49
C GLU A 93 -5.96 13.02 -26.61
N ARG A 135 -42.46 12.83 -8.58
CA ARG A 135 -43.50 11.86 -8.27
C ARG A 135 -43.07 10.44 -8.63
N THR A 136 -43.45 10.02 -9.85
CA THR A 136 -43.06 8.69 -10.34
C THR A 136 -41.55 8.51 -10.29
N GLN A 137 -40.79 9.56 -10.58
CA GLN A 137 -39.34 9.44 -10.54
C GLN A 137 -38.83 9.24 -9.12
N THR A 138 -39.47 9.88 -8.13
CA THR A 138 -39.04 9.67 -6.75
C THR A 138 -39.35 8.25 -6.30
N PHE A 139 -40.54 7.73 -6.64
CA PHE A 139 -40.81 6.33 -6.36
C PHE A 139 -39.77 5.44 -7.01
N ALA A 140 -39.52 5.66 -8.31
CA ALA A 140 -38.53 4.87 -9.03
C ALA A 140 -37.20 4.88 -8.31
N GLN A 141 -36.72 6.07 -7.94
CA GLN A 141 -35.43 6.20 -7.28
C GLN A 141 -35.39 5.43 -5.96
N ALA A 142 -36.43 5.55 -5.15
CA ALA A 142 -36.48 4.78 -3.90
C ALA A 142 -36.49 3.29 -4.19
N LEU A 143 -37.19 2.88 -5.25
CA LEU A 143 -37.18 1.49 -5.66
C LEU A 143 -35.76 1.04 -5.99
N VAL A 144 -35.05 1.82 -6.83
CA VAL A 144 -33.68 1.48 -7.21
C VAL A 144 -32.79 1.44 -5.96
N THR A 145 -33.06 2.31 -5.00
CA THR A 145 -32.28 2.33 -3.78
C THR A 145 -32.46 1.02 -3.01
N LYS A 146 -33.70 0.70 -2.65
CA LYS A 146 -33.95 -0.52 -1.88
C LYS A 146 -33.48 -1.77 -2.61
N ILE A 147 -33.68 -1.85 -3.93
CA ILE A 147 -33.28 -3.05 -4.67
C ILE A 147 -31.76 -3.17 -4.75
N VAL A 148 -31.04 -2.05 -4.90
CA VAL A 148 -29.58 -2.12 -4.94
C VAL A 148 -28.98 -2.30 -3.56
N ASP A 149 -29.71 -1.94 -2.49
CA ASP A 149 -29.12 -1.97 -1.16
C ASP A 149 -28.86 -3.38 -0.67
N ASN A 150 -29.65 -4.36 -1.11
CA ASN A 150 -29.54 -5.71 -0.58
C ASN A 150 -29.22 -6.73 -1.68
N LEU A 151 -28.71 -6.31 -2.83
CA LEU A 151 -28.42 -7.31 -3.84
C LEU A 151 -27.16 -8.10 -3.59
N GLN A 152 -26.97 -9.18 -4.36
CA GLN A 152 -25.80 -10.03 -4.31
C GLN A 152 -25.25 -10.04 -5.72
N ILE A 153 -23.95 -9.83 -5.90
CA ILE A 153 -23.30 -9.80 -7.23
C ILE A 153 -22.30 -10.95 -7.25
N THR A 154 -22.25 -11.77 -8.29
CA THR A 154 -21.23 -12.82 -8.29
C THR A 154 -20.53 -12.75 -9.65
N ILE A 155 -19.27 -12.32 -9.67
CA ILE A 155 -18.53 -12.20 -10.92
C ILE A 155 -17.32 -13.10 -10.97
N ARG A 156 -17.12 -13.79 -12.09
CA ARG A 156 -16.00 -14.69 -12.28
C ARG A 156 -15.26 -14.38 -13.58
N ASN A 157 -13.99 -14.77 -13.67
CA ASN A 157 -13.17 -14.56 -14.89
C ASN A 157 -13.05 -13.13 -15.44
N ILE A 158 -12.52 -12.21 -14.64
CA ILE A 158 -12.45 -10.80 -14.98
C ILE A 158 -11.00 -10.49 -15.29
N HIS A 159 -10.74 -9.85 -16.41
CA HIS A 159 -9.35 -9.57 -16.72
C HIS A 159 -9.23 -8.17 -17.24
N ILE A 160 -8.81 -7.23 -16.43
CA ILE A 160 -8.70 -5.88 -16.96
C ILE A 160 -7.27 -5.81 -17.35
N ARG A 161 -6.99 -5.46 -18.58
CA ARG A 161 -5.61 -5.38 -19.00
C ARG A 161 -5.49 -4.01 -19.59
N TYR A 162 -4.48 -3.24 -19.24
CA TYR A 162 -4.36 -1.94 -19.85
C TYR A 162 -3.01 -1.89 -20.49
N GLU A 163 -2.89 -1.58 -21.78
CA GLU A 163 -1.58 -1.59 -22.44
C GLU A 163 -1.11 -0.22 -22.76
N ASP A 164 0.07 0.21 -22.32
CA ASP A 164 0.49 1.55 -22.66
C ASP A 164 1.65 1.48 -23.63
N ALA A 165 1.52 2.14 -24.75
CA ALA A 165 2.63 2.14 -25.68
C ALA A 165 3.34 3.48 -25.70
N ILE A 166 2.58 4.55 -25.60
CA ILE A 166 3.18 5.87 -25.60
C ILE A 166 4.03 6.16 -24.39
N SER A 167 3.60 5.70 -23.23
CA SER A 167 4.43 5.94 -22.05
C SER A 167 5.65 5.04 -22.09
N ALA A 168 6.72 5.50 -21.48
CA ALA A 168 7.97 4.74 -21.58
C ALA A 168 8.23 4.42 -23.03
N PRO A 169 8.37 5.46 -23.84
CA PRO A 169 8.54 5.31 -25.29
C PRO A 169 9.71 4.42 -25.59
N GLY A 170 9.45 3.56 -26.54
CA GLY A 170 10.37 2.54 -26.99
C GLY A 170 10.37 1.25 -26.18
N HIS A 171 9.64 1.26 -25.08
CA HIS A 171 9.50 0.09 -24.22
C HIS A 171 8.05 -0.06 -23.74
N PRO A 172 7.13 -0.40 -24.66
CA PRO A 172 5.73 -0.56 -24.34
C PRO A 172 5.51 -1.64 -23.31
N PHE A 173 4.56 -1.38 -22.42
CA PHE A 173 4.21 -2.28 -21.35
C PHE A 173 2.73 -2.51 -21.33
N ALA A 174 2.33 -3.61 -20.72
CA ALA A 174 0.96 -4.00 -20.59
C ALA A 174 0.73 -4.13 -19.11
N LEU A 175 -0.36 -3.54 -18.61
CA LEU A 175 -0.69 -3.57 -17.19
C LEU A 175 -1.94 -4.40 -17.03
N GLY A 176 -2.04 -5.17 -15.99
CA GLY A 176 -3.16 -6.10 -15.95
C GLY A 176 -3.61 -6.53 -14.57
N ILE A 177 -4.91 -6.69 -14.41
CA ILE A 177 -5.53 -7.19 -13.19
C ILE A 177 -6.32 -8.44 -13.54
N THR A 178 -6.13 -9.50 -12.77
CA THR A 178 -6.75 -10.79 -13.00
C THR A 178 -7.45 -11.24 -11.73
N LEU A 179 -8.67 -11.72 -11.89
CA LEU A 179 -9.52 -12.13 -10.78
C LEU A 179 -10.55 -13.06 -11.37
N GLU A 180 -10.66 -14.29 -10.88
CA GLU A 180 -11.66 -15.15 -11.50
C GLU A 180 -12.86 -15.43 -10.60
N GLU A 181 -12.97 -14.75 -9.45
CA GLU A 181 -14.18 -14.85 -8.64
C GLU A 181 -14.24 -13.72 -7.60
N PHE A 182 -15.36 -13.00 -7.60
CA PHE A 182 -15.67 -11.89 -6.71
C PHE A 182 -17.12 -12.02 -6.27
N SER A 183 -17.37 -11.81 -4.98
CA SER A 183 -18.72 -11.99 -4.42
C SER A 183 -19.00 -10.92 -3.37
N ALA A 184 -19.92 -10.01 -3.67
CA ALA A 184 -20.30 -8.95 -2.74
C ALA A 184 -21.76 -9.11 -2.36
N VAL A 185 -22.04 -9.13 -1.05
CA VAL A 185 -23.38 -9.38 -0.52
C VAL A 185 -23.60 -8.46 0.67
N SER A 186 -24.88 -8.21 0.98
CA SER A 186 -25.25 -7.38 2.12
C SER A 186 -25.42 -8.23 3.37
N THR A 187 -24.95 -7.70 4.50
CA THR A 187 -24.99 -8.38 5.79
C THR A 187 -25.51 -7.44 6.86
N ASP A 188 -25.72 -7.98 8.06
CA ASP A 188 -26.20 -7.21 9.19
C ASP A 188 -25.01 -6.65 9.98
N SER A 189 -25.33 -5.93 11.07
CA SER A 189 -24.32 -5.25 11.88
C SER A 189 -23.23 -6.20 12.36
N ASP A 190 -23.52 -7.50 12.41
CA ASP A 190 -22.64 -8.47 13.01
C ASP A 190 -22.00 -9.37 11.96
N TRP A 191 -22.09 -8.97 10.70
CA TRP A 191 -21.43 -9.57 9.55
C TRP A 191 -22.00 -10.94 9.19
N THR A 192 -23.12 -11.33 9.79
CA THR A 192 -23.86 -12.46 9.26
C THR A 192 -24.71 -12.00 8.07
N PRO A 193 -24.61 -12.64 6.92
CA PRO A 193 -25.34 -12.16 5.74
C PRO A 193 -26.83 -12.24 5.96
N ALA A 194 -27.55 -11.26 5.41
CA ALA A 194 -28.99 -11.17 5.64
C ALA A 194 -29.61 -10.27 4.59
N PHE A 195 -30.92 -10.06 4.73
CA PHE A 195 -31.67 -9.07 3.98
C PHE A 195 -32.14 -8.03 5.00
N ILE A 196 -31.28 -7.10 5.30
CA ILE A 196 -31.63 -6.08 6.23
C ILE A 196 -31.78 -4.79 5.48
N THR A 197 -32.79 -4.03 5.89
CA THR A 197 -33.02 -2.75 5.32
C THR A 197 -32.70 -1.88 6.48
N SER A 198 -31.75 -0.97 6.30
CA SER A 198 -31.38 -0.10 7.39
C SER A 198 -31.13 1.29 6.92
N ILE A 199 -31.23 2.21 7.85
CA ILE A 199 -31.00 3.61 7.54
C ILE A 199 -29.62 4.14 7.88
N GLN A 200 -29.14 3.81 9.06
CA GLN A 200 -27.86 4.28 9.57
C GLN A 200 -26.58 3.89 8.90
N SER A 201 -26.44 2.63 8.55
CA SER A 201 -25.20 2.17 7.96
C SER A 201 -25.47 0.99 7.09
N ALA A 202 -24.56 0.68 6.19
CA ALA A 202 -24.80 -0.41 5.30
C ALA A 202 -23.61 -1.29 5.50
N HIS A 203 -23.84 -2.57 5.70
CA HIS A 203 -22.71 -3.48 5.88
C HIS A 203 -22.64 -4.41 4.68
N LYS A 204 -21.60 -4.24 3.87
CA LYS A 204 -21.33 -5.11 2.74
C LYS A 204 -20.15 -6.01 3.07
N LEU A 205 -20.20 -7.23 2.53
CA LEU A 205 -19.12 -8.19 2.67
C LEU A 205 -18.75 -8.69 1.29
N ALA A 206 -17.48 -8.53 0.93
CA ALA A 206 -16.97 -8.96 -0.36
C ALA A 206 -15.92 -10.06 -0.16
N THR A 207 -15.76 -10.90 -1.18
CA THR A 207 -14.94 -12.10 -1.11
C THR A 207 -14.23 -12.25 -2.44
N LEU A 208 -12.91 -12.42 -2.38
CA LEU A 208 -11.98 -12.09 -3.47
C LEU A 208 -11.03 -13.26 -3.71
N GLU A 209 -11.29 -14.09 -4.72
CA GLU A 209 -10.50 -15.31 -4.94
C GLU A 209 -9.64 -15.19 -6.20
N SER A 210 -8.34 -15.40 -6.02
CA SER A 210 -7.37 -15.31 -7.11
C SER A 210 -6.96 -13.92 -7.54
N LEU A 211 -6.99 -12.98 -6.64
CA LEU A 211 -6.58 -11.64 -6.99
C LEU A 211 -5.12 -11.64 -7.40
N ALA A 212 -4.86 -11.22 -8.63
CA ALA A 212 -3.51 -11.20 -9.20
C ALA A 212 -3.35 -9.93 -9.99
N ILE A 213 -2.15 -9.37 -9.98
CA ILE A 213 -1.81 -8.22 -10.81
C ILE A 213 -0.52 -8.54 -11.54
N TYR A 214 -0.48 -8.24 -12.83
CA TYR A 214 0.74 -8.39 -13.60
C TYR A 214 1.10 -7.06 -14.23
N TRP A 215 2.40 -6.83 -14.34
CA TRP A 215 2.92 -5.66 -15.02
C TRP A 215 4.17 -6.12 -15.73
N ASP A 216 4.11 -6.30 -17.04
CA ASP A 216 5.28 -6.76 -17.72
C ASP A 216 5.77 -5.80 -18.76
N THR A 217 7.04 -5.47 -18.61
CA THR A 217 7.72 -4.57 -19.52
C THR A 217 8.12 -5.30 -20.78
N ASP A 218 8.30 -4.55 -21.84
CA ASP A 218 8.74 -5.13 -23.09
C ASP A 218 7.91 -6.30 -23.55
N ALA A 219 6.60 -6.14 -23.61
CA ALA A 219 5.73 -7.19 -24.10
C ALA A 219 4.66 -6.58 -25.00
N LYS A 220 4.04 -7.36 -25.87
CA LYS A 220 2.99 -6.84 -26.72
C LYS A 220 1.63 -7.44 -26.42
N GLU A 230 -9.21 -10.48 -33.95
CA GLU A 230 -10.56 -10.97 -34.16
C GLU A 230 -11.19 -11.29 -32.82
N HIS A 231 -12.51 -11.30 -32.78
CA HIS A 231 -13.19 -11.52 -31.54
C HIS A 231 -12.89 -12.87 -30.91
N ASP A 232 -12.86 -13.93 -31.69
CA ASP A 232 -12.60 -15.25 -31.11
C ASP A 232 -11.24 -15.39 -30.47
N GLU A 233 -10.20 -14.90 -31.15
CA GLU A 233 -8.83 -14.95 -30.65
C GLU A 233 -8.58 -14.11 -29.41
N LEU A 235 -10.72 -13.11 -27.20
CA LEU A 235 -11.32 -13.65 -25.99
C LEU A 235 -10.38 -14.68 -25.37
N LYS A 236 -9.80 -15.56 -26.18
CA LYS A 236 -8.90 -16.56 -25.62
C LYS A 236 -7.71 -15.89 -24.97
N PHE A 237 -7.15 -14.88 -25.63
CA PHE A 237 -6.00 -14.20 -25.10
C PHE A 237 -6.31 -13.59 -23.75
N PHE A 238 -7.46 -12.93 -23.64
CA PHE A 238 -7.86 -12.30 -22.38
C PHE A 238 -8.15 -13.28 -21.26
N ARG A 239 -8.62 -14.46 -21.61
CA ARG A 239 -8.99 -15.44 -20.62
C ARG A 239 -7.92 -16.46 -20.24
N GLU A 240 -6.91 -16.62 -21.06
CA GLU A 240 -5.89 -17.60 -20.73
C GLU A 240 -5.18 -17.29 -19.43
N ILE A 242 -4.79 -16.19 -15.73
CA ILE A 242 -5.68 -16.37 -14.59
C ILE A 242 -4.88 -16.66 -13.33
N SER A 251 2.04 -20.90 -15.02
CA SER A 251 1.68 -19.51 -15.27
C SER A 251 2.89 -18.64 -15.15
N GLU A 252 3.39 -18.16 -16.29
CA GLU A 252 4.58 -17.30 -16.27
C GLU A 252 4.44 -16.01 -17.06
N HIS A 253 3.67 -15.08 -16.51
CA HIS A 253 3.84 -13.68 -16.80
C HIS A 253 4.50 -12.98 -15.62
N GLN A 254 5.00 -11.79 -15.85
CA GLN A 254 5.70 -11.10 -14.76
C GLN A 254 4.68 -10.49 -13.79
N PHE A 255 4.07 -11.37 -13.00
CA PHE A 255 3.11 -10.94 -11.99
C PHE A 255 3.84 -10.10 -10.94
N ILE A 256 3.13 -9.14 -10.34
CA ILE A 256 3.70 -8.37 -9.23
C ILE A 256 2.94 -8.75 -7.97
N LEU A 257 1.70 -9.21 -8.15
CA LEU A 257 0.88 -9.70 -7.04
C LEU A 257 0.49 -11.13 -7.36
N LYS A 258 1.08 -12.08 -6.63
CA LYS A 258 0.70 -13.47 -6.80
C LYS A 258 -0.77 -13.65 -6.43
N PRO A 259 -1.45 -14.62 -7.03
CA PRO A 259 -2.87 -14.84 -6.73
C PRO A 259 -3.13 -14.93 -5.23
N VAL A 260 -4.09 -14.15 -4.76
CA VAL A 260 -4.40 -14.04 -3.34
C VAL A 260 -5.91 -14.06 -3.17
N SER A 261 -6.37 -14.70 -2.09
CA SER A 261 -7.78 -14.83 -1.78
C SER A 261 -8.03 -14.30 -0.37
N GLY A 262 -9.07 -13.48 -0.22
CA GLY A 262 -9.36 -12.92 1.09
C GLY A 262 -10.79 -12.41 1.14
N GLN A 263 -11.17 -11.88 2.30
CA GLN A 263 -12.52 -11.36 2.50
C GLN A 263 -12.43 -9.97 3.13
N ALA A 264 -13.31 -9.07 2.69
CA ALA A 264 -13.32 -7.71 3.20
C ALA A 264 -14.71 -7.36 3.72
N LYS A 265 -14.74 -6.80 4.93
CA LYS A 265 -15.98 -6.33 5.55
C LYS A 265 -16.02 -4.82 5.46
N ILE A 266 -16.76 -4.30 4.50
CA ILE A 266 -16.95 -2.86 4.36
C ILE A 266 -18.21 -2.43 5.08
N GLU A 267 -18.16 -1.29 5.75
CA GLU A 267 -19.29 -0.69 6.42
C GLU A 267 -19.35 0.77 6.03
N ILE A 268 -20.45 1.17 5.40
CA ILE A 268 -20.64 2.49 4.83
C ILE A 268 -21.63 3.24 5.70
N ASP A 269 -21.28 4.46 6.09
CA ASP A 269 -22.17 5.28 6.89
C ASP A 269 -23.09 6.08 5.99
N LYS A 270 -24.38 6.09 6.34
CA LYS A 270 -25.38 6.85 5.59
C LYS A 270 -25.92 8.05 6.36
N THR A 271 -25.71 8.11 7.68
CA THR A 271 -26.17 9.26 8.44
C THR A 271 -25.55 10.56 7.93
N GLY A 272 -24.32 10.51 7.46
CA GLY A 272 -23.61 11.73 7.13
C GLY A 272 -23.13 12.49 8.33
N SER A 273 -23.24 11.91 9.53
CA SER A 273 -22.75 12.56 10.73
C SER A 273 -21.24 12.74 10.66
N HIS A 274 -20.75 13.76 11.36
CA HIS A 274 -19.33 14.03 11.43
C HIS A 274 -18.67 13.35 12.63
N THR A 275 -19.44 12.58 13.40
CA THR A 275 -18.89 11.81 14.50
C THR A 275 -18.48 10.40 14.09
N VAL A 276 -18.94 9.92 12.94
CA VAL A 276 -18.67 8.55 12.51
C VAL A 276 -17.97 8.57 11.15
N PRO A 277 -17.09 7.61 10.89
CA PRO A 277 -16.37 7.62 9.61
C PRO A 277 -17.27 7.28 8.44
N ARG A 278 -16.90 7.78 7.27
CA ARG A 278 -17.64 7.46 6.05
C ARG A 278 -17.46 6.00 5.67
N TYR A 279 -16.24 5.48 5.75
CA TYR A 279 -15.96 4.09 5.42
C TYR A 279 -15.20 3.40 6.54
N LYS A 280 -15.59 2.16 6.81
CA LYS A 280 -14.84 1.24 7.66
C LYS A 280 -14.59 -0.01 6.85
N ALA A 281 -13.37 -0.53 6.90
CA ALA A 281 -13.09 -1.77 6.17
C ALA A 281 -12.20 -2.66 7.02
N ASN A 282 -12.59 -3.93 7.14
CA ASN A 282 -11.79 -4.93 7.83
C ASN A 282 -11.57 -6.09 6.86
N LEU A 283 -10.40 -6.11 6.23
CA LEU A 283 -10.08 -7.12 5.23
C LEU A 283 -9.04 -8.08 5.78
N LEU A 284 -9.30 -9.37 5.63
CA LEU A 284 -8.43 -10.38 6.16
C LEU A 284 -7.95 -11.01 4.92
N PHE A 285 -6.66 -10.99 4.67
CA PHE A 285 -6.13 -11.56 3.46
C PHE A 285 -5.16 -12.65 3.82
N ASP A 286 -4.95 -13.60 2.93
CA ASP A 286 -4.04 -14.68 3.26
C ASP A 286 -2.83 -14.80 2.34
N GLU A 287 -1.65 -14.78 2.95
CA GLU A 287 -0.42 -14.97 2.20
C GLU A 287 -0.13 -14.12 0.97
N ILE A 288 -0.14 -12.81 1.10
CA ILE A 288 0.17 -11.98 -0.04
C ILE A 288 1.61 -12.14 -0.46
N GLY A 289 1.88 -12.30 -1.75
CA GLY A 289 3.24 -12.40 -2.23
C GLY A 289 3.43 -11.36 -3.31
N VAL A 290 4.45 -10.50 -3.21
CA VAL A 290 4.60 -9.47 -4.24
C VAL A 290 5.95 -9.66 -4.87
N VAL A 291 6.05 -9.66 -6.17
CA VAL A 291 7.34 -9.86 -6.78
C VAL A 291 7.76 -8.72 -7.67
N LEU A 292 8.98 -8.27 -7.54
CA LEU A 292 9.46 -7.23 -8.43
C LEU A 292 10.69 -7.74 -9.16
N ASP A 293 10.92 -7.22 -10.37
CA ASP A 293 12.12 -7.56 -11.13
C ASP A 293 12.86 -6.28 -11.51
N ASP A 294 13.97 -6.44 -12.22
CA ASP A 294 14.85 -5.31 -12.50
C ASP A 294 14.22 -4.34 -13.50
N GLN A 295 13.47 -4.86 -14.47
CA GLN A 295 12.74 -3.98 -15.37
C GLN A 295 11.65 -3.21 -14.61
N GLN A 296 10.84 -3.93 -13.84
CA GLN A 296 9.78 -3.29 -13.06
C GLN A 296 10.36 -2.34 -12.02
N TYR A 297 11.46 -2.73 -11.38
CA TYR A 297 12.11 -1.83 -10.43
C TYR A 297 12.65 -0.59 -11.13
N ARG A 298 13.14 -0.74 -12.34
CA ARG A 298 13.60 0.44 -13.05
C ARG A 298 12.45 1.37 -13.44
N ASP A 299 11.35 0.81 -13.88
CA ASP A 299 10.21 1.61 -14.31
C ASP A 299 9.25 1.96 -13.17
N ALA A 300 9.59 1.61 -11.93
CA ALA A 300 8.65 1.79 -10.83
C ALA A 300 8.29 3.26 -10.63
N LEU A 301 9.29 4.14 -10.73
CA LEU A 301 9.02 5.56 -10.54
C LEU A 301 8.14 6.10 -11.67
N VAL A 304 4.71 5.16 -10.87
CA VAL A 304 4.13 6.10 -9.91
C VAL A 304 3.56 7.30 -10.64
N ASP A 305 4.34 7.84 -11.59
CA ASP A 305 3.82 8.93 -12.43
C ASP A 305 2.55 8.51 -13.15
N LEU A 306 2.52 7.29 -13.69
CA LEU A 306 1.34 6.78 -14.41
C LEU A 306 0.10 6.83 -13.51
N PHE A 307 0.18 6.20 -12.33
CA PHE A 307 -0.98 6.11 -11.46
C PHE A 307 -1.44 7.47 -10.97
N HIS A 308 -0.49 8.34 -10.58
CA HIS A 308 -0.89 9.72 -10.27
C HIS A 308 -1.68 10.30 -11.43
N TYR A 309 -1.29 10.02 -12.66
CA TYR A 309 -2.01 10.55 -13.79
C TYR A 309 -3.43 10.03 -13.90
N PHE A 310 -3.67 8.75 -13.70
CA PHE A 310 -5.01 8.26 -13.80
C PHE A 310 -5.88 8.91 -12.79
N ILE A 311 -5.41 8.92 -11.56
CA ILE A 311 -6.17 9.50 -10.49
C ILE A 311 -6.36 10.98 -10.58
N ARG A 312 -5.38 11.72 -11.06
CA ARG A 312 -5.48 13.18 -11.06
C ARG A 312 -5.36 13.91 -12.36
N HIS A 313 -5.85 13.34 -13.43
CA HIS A 313 -5.71 13.92 -14.74
C HIS A 313 -6.17 15.36 -14.97
N GLN A 314 -7.30 15.74 -14.43
CA GLN A 314 -7.78 17.10 -14.66
C GLN A 314 -6.76 18.16 -14.24
N GLU A 315 -5.99 17.89 -13.18
CA GLU A 315 -4.97 18.86 -12.78
C GLU A 315 -3.89 19.00 -13.83
N TYR A 316 -3.61 17.92 -14.57
CA TYR A 316 -2.66 17.95 -15.68
C TYR A 316 -3.22 18.65 -16.91
N LYS A 317 -4.53 18.89 -16.97
CA LYS A 317 -5.16 19.34 -18.21
C LYS A 317 -4.66 20.72 -18.61
N LYS A 318 -4.45 21.61 -17.64
CA LYS A 318 -4.07 22.98 -17.95
C LYS A 318 -2.75 23.04 -18.71
N PHE A 319 -1.86 22.06 -18.46
CA PHE A 319 -0.53 22.09 -19.03
C PHE A 319 -0.49 21.63 -20.48
N GLN A 320 -1.55 21.01 -20.97
CA GLN A 320 -1.54 20.63 -22.36
C GLN A 320 -1.65 21.93 -23.10
N PRO A 321 -0.92 22.04 -24.20
CA PRO A 321 -0.75 23.23 -25.03
C PRO A 321 -1.95 23.82 -25.72
N LYS A 322 -2.00 25.15 -25.69
CA LYS A 322 -3.02 25.94 -26.34
C LYS A 322 -2.35 27.09 -27.07
N GLY A 323 -1.66 26.78 -28.16
CA GLY A 323 -0.96 27.80 -28.94
C GLY A 323 -1.85 28.72 -29.76
N LEU B 2 40.37 -5.80 15.74
CA LEU B 2 39.12 -5.42 15.09
C LEU B 2 38.35 -4.37 15.89
N GLU B 3 38.57 -4.30 17.20
CA GLU B 3 37.77 -3.42 18.05
C GLU B 3 37.93 -1.95 17.64
N GLY B 4 39.16 -1.52 17.39
CA GLY B 4 39.40 -0.13 17.06
C GLY B 4 38.78 0.27 15.73
N LEU B 5 38.98 -0.55 14.70
CA LEU B 5 38.41 -0.26 13.39
C LEU B 5 36.89 -0.14 13.46
N VAL B 6 36.24 -1.15 14.03
CA VAL B 6 34.78 -1.13 14.13
C VAL B 6 34.32 0.08 14.93
N ALA B 7 35.05 0.42 16.00
CA ALA B 7 34.70 1.59 16.79
C ALA B 7 34.72 2.86 15.93
N GLY B 8 35.81 3.05 15.17
CA GLY B 8 35.89 4.22 14.31
C GLY B 8 34.80 4.28 13.28
N LEU B 9 34.52 3.15 12.60
CA LEU B 9 33.41 3.10 11.66
C LEU B 9 32.11 3.49 12.33
N LEU B 10 31.88 2.99 13.55
CA LEU B 10 30.71 3.35 14.32
C LEU B 10 30.63 4.86 14.53
N ASN B 11 31.78 5.50 14.79
CA ASN B 11 31.77 6.94 14.96
C ASN B 11 31.50 7.69 13.66
N ARG B 12 31.92 7.13 12.52
CA ARG B 12 31.52 7.74 11.25
C ARG B 12 30.01 7.66 11.05
N PHE B 13 29.48 6.43 11.06
CA PHE B 13 28.05 6.20 10.85
C PHE B 13 27.20 7.03 11.81
N LEU B 14 27.49 6.91 13.11
CA LEU B 14 26.80 7.74 14.10
C LEU B 14 26.94 9.21 13.74
N GLY B 15 28.17 9.68 13.56
CA GLY B 15 28.41 11.09 13.28
C GLY B 15 27.59 11.64 12.13
N TYR B 17 24.39 10.81 11.32
CA TYR B 17 23.04 11.10 11.77
C TYR B 17 22.82 11.74 13.10
N VAL B 18 23.80 11.82 13.96
CA VAL B 18 23.52 12.32 15.29
C VAL B 18 23.98 13.72 15.58
N LYS B 19 23.08 14.52 16.10
CA LYS B 19 23.38 15.90 16.42
C LYS B 19 24.39 15.92 17.53
N ASN B 20 25.40 16.77 17.42
CA ASN B 20 26.39 16.95 18.45
C ASN B 20 27.01 15.67 18.94
N PHE B 21 27.39 14.80 18.04
CA PHE B 21 27.98 13.56 18.46
C PHE B 21 29.31 13.76 19.12
N ASP B 22 29.60 12.94 20.11
CA ASP B 22 30.85 12.87 20.84
C ASP B 22 31.22 11.40 20.87
N PRO B 23 32.45 11.03 20.48
CA PRO B 23 32.87 9.63 20.69
C PRO B 23 32.76 9.18 22.13
N LYS B 24 32.73 10.11 23.09
CA LYS B 24 32.56 9.76 24.49
C LYS B 24 31.17 9.24 24.81
N GLN B 25 30.20 9.37 23.88
CA GLN B 25 28.83 8.99 24.19
C GLN B 25 28.68 7.48 24.30
N LEU B 26 29.39 6.73 23.48
CA LEU B 26 29.31 5.28 23.57
C LEU B 26 29.90 4.80 24.88
N LYS B 27 29.16 3.93 25.56
CA LYS B 27 29.63 3.29 26.79
C LYS B 27 29.90 1.83 26.47
N TRP B 28 31.15 1.43 26.63
CA TRP B 28 31.55 0.06 26.36
C TRP B 28 31.56 -0.75 27.65
N GLU B 29 31.24 -2.02 27.51
CA GLU B 29 31.40 -2.99 28.58
C GLU B 29 32.61 -3.85 28.21
N VAL B 30 33.72 -3.64 28.92
CA VAL B 30 34.93 -4.39 28.61
C VAL B 30 34.74 -5.88 28.86
N TRP B 31 33.73 -6.24 29.65
CA TRP B 31 33.54 -7.64 30.01
C TRP B 31 33.12 -8.46 28.80
N ASN B 32 32.33 -7.88 27.90
CA ASN B 32 31.83 -8.62 26.74
C ASN B 32 31.99 -7.88 25.42
N GLY B 33 32.37 -6.61 25.43
CA GLY B 33 32.47 -5.86 24.20
C GLY B 33 31.16 -5.33 23.67
N LYS B 34 30.12 -5.30 24.49
CA LYS B 34 28.87 -4.64 24.11
C LYS B 34 29.03 -3.13 24.24
N VAL B 35 28.28 -2.40 23.42
CA VAL B 35 28.31 -0.95 23.50
C VAL B 35 26.88 -0.44 23.60
N ARG B 36 26.69 0.64 24.36
CA ARG B 36 25.37 1.23 24.51
C ARG B 36 25.46 2.74 24.36
N LEU B 37 24.35 3.32 23.95
CA LEU B 37 24.23 4.76 23.80
C LEU B 37 22.86 5.11 24.31
N ASP B 38 22.73 6.26 24.92
CA ASP B 38 21.44 6.63 25.44
C ASP B 38 21.17 8.04 25.03
N ASN B 39 19.90 8.36 24.84
CA ASN B 39 19.44 9.69 24.50
C ASN B 39 19.98 10.42 23.30
N LEU B 40 20.05 9.75 22.17
CA LEU B 40 20.55 10.38 20.97
C LEU B 40 19.66 11.44 20.39
N GLU B 41 20.29 12.43 19.78
CA GLU B 41 19.64 13.52 19.07
C GLU B 41 20.00 13.40 17.60
N LEU B 42 19.00 13.45 16.72
CA LEU B 42 19.29 13.37 15.30
C LEU B 42 19.37 14.75 14.66
N GLN B 43 20.16 14.82 13.61
CA GLN B 43 20.37 16.02 12.86
C GLN B 43 19.20 16.29 11.98
N ARG B 44 19.09 17.52 11.53
CA ARG B 44 18.05 17.96 10.64
C ARG B 44 18.06 17.24 9.31
N GLU B 45 19.24 16.93 8.82
CA GLU B 45 19.45 16.28 7.53
C GLU B 45 19.54 14.77 7.62
N ALA B 46 19.10 14.19 8.72
CA ALA B 46 19.20 12.74 8.95
C ALA B 46 18.51 11.85 7.96
N LEU B 47 17.33 12.23 7.54
CA LEU B 47 16.53 11.47 6.58
C LEU B 47 16.76 11.89 5.13
N ASP B 48 17.80 12.63 4.84
CA ASP B 48 18.01 13.07 3.48
C ASP B 48 18.15 11.90 2.53
N GLN B 49 18.80 10.87 2.97
CA GLN B 49 19.00 9.72 2.09
C GLN B 49 17.69 9.35 1.40
N LEU B 50 16.56 9.67 2.02
CA LEU B 50 15.24 9.43 1.43
C LEU B 50 14.91 10.42 0.32
N LYS B 51 15.62 11.53 0.23
CA LYS B 51 15.45 12.52 -0.84
C LYS B 51 14.05 13.12 -0.84
N LEU B 52 13.50 13.29 0.34
CA LEU B 52 12.20 13.92 0.47
C LEU B 52 12.36 15.38 0.90
N PRO B 53 11.41 16.25 0.55
CA PRO B 53 11.47 17.65 0.98
C PRO B 53 11.03 17.84 2.43
N ILE B 54 11.58 17.03 3.33
CA ILE B 54 11.19 17.07 4.72
C ILE B 54 12.38 17.55 5.56
N ASN B 55 12.05 17.99 6.76
CA ASN B 55 12.98 18.61 7.69
C ASN B 55 12.69 18.00 9.05
N VAL B 56 13.71 17.48 9.72
CA VAL B 56 13.52 16.80 11.00
C VAL B 56 13.59 17.88 12.07
N ILE B 57 12.42 18.34 12.51
CA ILE B 57 12.36 19.28 13.63
C ILE B 57 12.97 18.66 14.87
N LYS B 58 12.61 17.41 15.15
CA LYS B 58 13.12 16.77 16.35
C LYS B 58 13.20 15.28 16.13
N GLY B 59 14.30 14.67 16.54
CA GLY B 59 14.37 13.23 16.60
C GLY B 59 15.01 12.79 17.89
N HIS B 60 14.70 11.56 18.28
CA HIS B 60 15.15 11.07 19.57
C HIS B 60 15.27 9.55 19.50
N LEU B 61 16.45 9.06 19.90
CA LEU B 61 16.68 7.63 20.06
C LEU B 61 16.95 7.41 21.54
N GLY B 62 15.97 6.85 22.25
CA GLY B 62 16.06 6.73 23.69
C GLY B 62 17.22 5.88 24.16
N HIS B 63 17.26 4.63 23.71
CA HIS B 63 18.27 3.68 24.17
C HIS B 63 18.69 2.84 22.98
N LEU B 64 20.00 2.64 22.83
CA LEU B 64 20.54 1.92 21.68
C LEU B 64 21.62 1.00 22.21
N VAL B 65 21.54 -0.29 21.90
CA VAL B 65 22.51 -1.26 22.39
C VAL B 65 22.96 -2.13 21.23
N LEU B 66 24.26 -2.41 21.17
CA LEU B 66 24.86 -3.12 20.08
C LEU B 66 25.73 -4.23 20.66
N HIS B 67 25.38 -5.47 20.33
CA HIS B 67 26.08 -6.69 20.78
C HIS B 67 26.83 -7.25 19.57
N ILE B 68 28.15 -7.23 19.64
CA ILE B 68 28.99 -7.73 18.57
C ILE B 68 29.80 -8.88 19.08
N PRO B 69 29.82 -9.99 18.37
CA PRO B 69 30.61 -11.14 18.73
C PRO B 69 31.97 -11.05 18.09
N TRP B 70 32.91 -10.38 18.73
CA TRP B 70 34.21 -10.19 18.14
C TRP B 70 34.97 -11.46 17.90
N LYS B 71 34.94 -12.32 18.88
CA LYS B 71 35.65 -13.57 18.80
C LYS B 71 35.02 -14.44 17.76
N THR B 72 33.69 -14.51 17.75
CA THR B 72 33.03 -15.37 16.78
C THR B 72 32.32 -14.62 15.68
N LEU B 73 32.67 -13.35 15.50
CA LEU B 73 31.99 -12.48 14.56
C LEU B 73 31.96 -12.99 13.15
N ALA B 74 32.99 -13.64 12.66
CA ALA B 74 32.89 -14.20 11.33
C ALA B 74 31.81 -15.29 11.29
N SER B 75 31.72 -16.11 12.34
CA SER B 75 30.73 -17.15 12.40
C SER B 75 29.40 -16.79 13.09
N GLU B 76 29.27 -15.58 13.63
CA GLU B 76 28.01 -15.25 14.28
C GLU B 76 27.58 -13.80 14.12
N GLN B 77 26.28 -13.59 14.06
CA GLN B 77 25.65 -12.30 13.86
C GLN B 77 25.60 -11.27 14.96
N VAL B 78 25.69 -10.04 14.52
CA VAL B 78 25.54 -8.83 15.28
C VAL B 78 24.11 -8.63 15.67
N LYS B 79 23.88 -8.02 16.80
CA LYS B 79 22.52 -7.74 17.24
C LYS B 79 22.43 -6.30 17.74
N ILE B 80 21.31 -5.65 17.43
CA ILE B 80 21.10 -4.25 17.78
C ILE B 80 19.67 -4.10 18.30
N ASN B 81 19.53 -3.46 19.46
CA ASN B 81 18.24 -3.20 20.05
C ASN B 81 18.08 -1.70 20.24
N ILE B 82 16.99 -1.14 19.77
CA ILE B 82 16.78 0.26 19.93
C ILE B 82 15.46 0.39 20.60
N GLU B 83 15.34 1.28 21.54
CA GLU B 83 14.09 1.48 22.23
C GLU B 83 13.78 2.95 22.18
N ASP B 84 12.49 3.28 22.10
CA ASP B 84 11.96 4.66 22.04
C ASP B 84 12.42 5.62 20.91
N VAL B 85 12.15 5.30 19.64
CA VAL B 85 12.62 6.15 18.58
C VAL B 85 11.50 7.09 18.18
N PHE B 86 11.72 8.40 18.30
CA PHE B 86 10.65 9.33 17.90
C PHE B 86 10.98 10.30 16.78
N LEU B 87 10.24 10.35 15.70
CA LEU B 87 10.65 11.30 14.67
C LEU B 87 9.60 12.35 14.34
N LEU B 88 9.92 13.60 14.57
CA LEU B 88 9.06 14.72 14.21
C LEU B 88 9.70 15.43 13.02
N ALA B 89 9.06 15.29 11.86
CA ALA B 89 9.49 15.87 10.60
C ALA B 89 8.48 16.92 10.13
N SER B 90 8.99 17.92 9.43
CA SER B 90 8.20 19.01 8.88
C SER B 90 8.57 19.19 7.41
N PRO B 91 7.64 19.66 6.59
CA PRO B 91 7.99 19.96 5.20
C PRO B 91 9.01 21.09 5.13
N LYS B 92 9.83 21.05 4.10
CA LYS B 92 10.89 22.05 3.91
C LYS B 92 10.46 23.05 2.84
N GLU B 93 10.53 24.32 3.19
CA GLU B 93 10.33 25.38 2.20
C GLU B 93 11.59 25.56 1.37
N GLU B 94 11.43 26.16 0.20
CA GLU B 94 12.52 26.49 -0.71
C GLU B 94 13.73 27.08 0.01
N GLN B 133 46.51 1.47 2.79
CA GLN B 133 45.25 2.21 2.82
C GLN B 133 44.23 1.60 1.86
N LYS B 134 44.66 1.22 0.67
CA LYS B 134 43.81 0.50 -0.26
C LYS B 134 43.24 -0.76 0.39
N ARG B 135 44.11 -1.54 1.04
CA ARG B 135 43.65 -2.75 1.73
C ARG B 135 42.69 -2.42 2.87
N THR B 136 42.93 -1.29 3.56
CA THR B 136 42.05 -0.93 4.67
C THR B 136 40.66 -0.53 4.18
N GLN B 137 40.59 0.21 3.08
CA GLN B 137 39.30 0.58 2.51
C GLN B 137 38.54 -0.66 2.04
N THR B 138 39.21 -1.52 1.28
CA THR B 138 38.58 -2.77 0.84
C THR B 138 38.10 -3.61 2.02
N PHE B 139 38.95 -3.72 3.06
CA PHE B 139 38.61 -4.54 4.23
C PHE B 139 37.45 -3.97 5.01
N ALA B 140 37.40 -2.64 5.15
CA ALA B 140 36.29 -2.03 5.86
C ALA B 140 34.97 -2.25 5.11
N GLN B 141 35.00 -2.12 3.78
CA GLN B 141 33.78 -2.34 3.01
C GLN B 141 33.31 -3.79 3.13
N ALA B 142 34.23 -4.75 2.97
CA ALA B 142 33.85 -6.15 3.09
C ALA B 142 33.36 -6.47 4.51
N LEU B 143 34.02 -5.92 5.52
CA LEU B 143 33.65 -6.16 6.91
C LEU B 143 32.23 -5.68 7.18
N VAL B 144 31.95 -4.42 6.83
CA VAL B 144 30.60 -3.88 6.99
C VAL B 144 29.60 -4.74 6.24
N THR B 145 29.96 -5.17 5.02
CA THR B 145 29.07 -6.04 4.25
C THR B 145 28.70 -7.29 5.04
N LYS B 146 29.70 -7.95 5.65
CA LYS B 146 29.39 -9.12 6.47
C LYS B 146 28.50 -8.76 7.65
N ILE B 147 28.76 -7.61 8.29
CA ILE B 147 28.01 -7.25 9.50
C ILE B 147 26.54 -7.05 9.17
N VAL B 148 26.24 -6.16 8.21
CA VAL B 148 24.85 -5.83 7.94
C VAL B 148 24.12 -6.96 7.23
N ASP B 149 24.84 -7.85 6.55
CA ASP B 149 24.18 -8.96 5.85
C ASP B 149 23.45 -9.88 6.82
N ASN B 150 23.97 -10.05 8.03
CA ASN B 150 23.34 -10.91 9.03
C ASN B 150 22.95 -10.15 10.28
N LEU B 151 22.86 -8.82 10.19
CA LEU B 151 22.41 -8.02 11.32
C LEU B 151 21.02 -8.44 11.77
N GLN B 152 20.81 -8.43 13.08
CA GLN B 152 19.50 -8.69 13.68
C GLN B 152 19.08 -7.44 14.43
N ILE B 153 18.02 -6.79 13.94
CA ILE B 153 17.56 -5.53 14.49
C ILE B 153 16.24 -5.76 15.20
N THR B 154 16.10 -5.14 16.38
CA THR B 154 14.81 -5.05 17.05
C THR B 154 14.65 -3.65 17.59
N ILE B 155 13.59 -2.98 17.17
CA ILE B 155 13.28 -1.60 17.54
C ILE B 155 11.95 -1.61 18.27
N ARG B 156 11.84 -0.86 19.35
CA ARG B 156 10.63 -0.86 20.10
C ARG B 156 10.14 0.52 20.31
N ASN B 157 8.84 0.65 20.41
CA ASN B 157 8.16 1.93 20.63
C ASN B 157 8.45 3.06 19.66
N ILE B 158 8.17 2.83 18.39
CA ILE B 158 8.41 3.79 17.32
C ILE B 158 7.26 4.71 16.97
N HIS B 159 7.54 6.00 16.90
CA HIS B 159 6.55 6.99 16.52
C HIS B 159 7.19 7.99 15.58
N ILE B 160 6.70 8.02 14.34
CA ILE B 160 7.17 8.96 13.31
C ILE B 160 5.99 9.88 12.98
N ARG B 161 6.21 11.18 13.13
CA ARG B 161 5.14 12.18 12.98
C ARG B 161 5.57 13.26 11.99
N TYR B 162 4.74 13.45 10.97
CA TYR B 162 4.93 14.47 9.93
C TYR B 162 3.89 15.57 10.12
N GLU B 163 4.31 16.72 10.63
CA GLU B 163 3.42 17.85 10.86
C GLU B 163 3.57 18.83 9.70
N ASP B 164 2.46 19.09 9.00
CA ASP B 164 2.48 19.95 7.84
C ASP B 164 1.44 21.05 8.01
N ALA B 165 1.90 22.29 8.10
CA ALA B 165 1.05 23.47 8.05
C ALA B 165 1.17 24.27 6.77
N ILE B 166 2.23 24.05 5.99
CA ILE B 166 2.48 24.88 4.82
C ILE B 166 1.54 24.49 3.68
N SER B 167 1.52 23.21 3.31
CA SER B 167 0.55 22.77 2.31
C SER B 167 -0.83 22.69 2.92
N ALA B 168 -1.84 22.85 2.07
CA ALA B 168 -3.23 22.99 2.50
C ALA B 168 -3.33 24.08 3.57
N PRO B 169 -3.01 25.33 3.22
CA PRO B 169 -2.95 26.38 4.25
C PRO B 169 -4.30 26.63 4.88
N GLY B 170 -4.29 26.98 6.16
CA GLY B 170 -5.51 27.08 6.92
C GLY B 170 -6.12 25.76 7.31
N HIS B 171 -5.58 24.64 6.83
CA HIS B 171 -6.04 23.30 7.17
C HIS B 171 -4.84 22.42 7.52
N PRO B 172 -4.11 22.74 8.58
CA PRO B 172 -2.91 21.97 8.92
C PRO B 172 -3.25 20.53 9.26
N PHE B 173 -2.31 19.64 9.01
CA PHE B 173 -2.56 18.22 9.27
C PHE B 173 -1.29 17.56 9.79
N ALA B 174 -1.46 16.36 10.32
CA ALA B 174 -0.35 15.57 10.83
C ALA B 174 -0.53 14.12 10.42
N LEU B 175 0.55 13.53 9.92
CA LEU B 175 0.61 12.12 9.55
C LEU B 175 1.44 11.37 10.58
N GLY B 176 1.09 10.11 10.80
CA GLY B 176 1.78 9.36 11.83
C GLY B 176 1.85 7.87 11.60
N ILE B 177 3.01 7.29 11.91
CA ILE B 177 3.21 5.85 11.93
C ILE B 177 3.72 5.46 13.31
N THR B 178 3.03 4.53 13.95
CA THR B 178 3.42 4.00 15.25
C THR B 178 3.62 2.49 15.12
N LEU B 179 4.67 1.99 15.77
CA LEU B 179 5.04 0.59 15.74
C LEU B 179 5.40 0.16 17.15
N GLU B 180 4.63 -0.76 17.73
CA GLU B 180 5.01 -1.28 19.04
C GLU B 180 6.36 -1.96 18.96
N GLU B 181 6.56 -2.82 17.96
CA GLU B 181 7.87 -3.43 17.78
C GLU B 181 8.10 -3.76 16.32
N PHE B 182 9.34 -3.59 15.87
CA PHE B 182 9.77 -4.00 14.54
C PHE B 182 11.03 -4.84 14.70
N SER B 183 11.07 -6.00 14.04
CA SER B 183 12.26 -6.83 14.13
C SER B 183 12.60 -7.37 12.74
N ALA B 184 13.89 -7.62 12.53
CA ALA B 184 14.40 -8.16 11.28
C ALA B 184 15.56 -9.08 11.59
N VAL B 185 15.54 -10.29 11.06
CA VAL B 185 16.61 -11.23 11.23
C VAL B 185 16.88 -11.87 9.90
N SER B 186 18.09 -12.38 9.73
CA SER B 186 18.46 -13.00 8.49
C SER B 186 18.24 -14.48 8.65
N THR B 187 17.74 -15.11 7.61
CA THR B 187 17.40 -16.50 7.69
C THR B 187 17.79 -17.30 6.50
N ASP B 188 17.50 -18.58 6.57
CA ASP B 188 17.79 -19.55 5.53
C ASP B 188 16.74 -19.57 4.44
N SER B 189 16.89 -20.50 3.53
CA SER B 189 15.91 -20.63 2.49
C SER B 189 14.58 -20.96 3.13
N ASP B 190 14.62 -21.72 4.22
CA ASP B 190 13.42 -22.17 4.90
C ASP B 190 12.97 -21.28 6.04
N TRP B 191 13.42 -20.05 6.01
CA TRP B 191 13.05 -19.05 6.99
C TRP B 191 13.35 -19.41 8.42
N THR B 192 14.49 -20.01 8.65
CA THR B 192 14.92 -20.33 10.00
C THR B 192 16.05 -19.38 10.20
N PRO B 193 16.02 -18.66 11.31
CA PRO B 193 17.11 -17.72 11.52
C PRO B 193 18.41 -18.46 11.63
N ALA B 194 19.44 -17.99 10.95
CA ALA B 194 20.72 -18.62 11.05
C ALA B 194 21.77 -17.70 10.48
N PHE B 195 23.01 -17.84 10.87
CA PHE B 195 24.01 -17.00 10.26
C PHE B 195 24.13 -17.53 8.86
N ILE B 196 24.11 -16.67 7.87
CA ILE B 196 24.23 -17.18 6.53
C ILE B 196 25.04 -16.29 5.63
N THR B 197 25.87 -16.91 4.80
CA THR B 197 26.60 -16.15 3.82
C THR B 197 26.29 -16.85 2.52
N SER B 198 25.68 -16.14 1.59
CA SER B 198 25.36 -16.68 0.29
C SER B 198 25.64 -15.62 -0.71
N ILE B 199 26.31 -15.97 -1.78
CA ILE B 199 26.60 -14.99 -2.79
C ILE B 199 25.37 -14.53 -3.56
N GLN B 200 24.57 -15.50 -4.00
CA GLN B 200 23.36 -15.25 -4.78
C GLN B 200 22.13 -14.63 -4.14
N SER B 201 21.79 -15.09 -2.96
CA SER B 201 20.58 -14.64 -2.31
C SER B 201 20.72 -14.27 -0.86
N ALA B 202 19.79 -13.43 -0.43
CA ALA B 202 19.69 -12.88 0.92
C ALA B 202 18.27 -13.03 1.42
N HIS B 203 18.08 -13.72 2.54
CA HIS B 203 16.76 -13.96 3.10
C HIS B 203 16.63 -13.23 4.42
N LYS B 204 15.56 -12.44 4.54
CA LYS B 204 15.29 -11.66 5.74
C LYS B 204 13.84 -11.84 6.14
N LEU B 205 13.61 -12.00 7.44
CA LEU B 205 12.28 -12.14 8.01
C LEU B 205 12.07 -10.97 8.97
N ALA B 206 11.13 -10.10 8.63
CA ALA B 206 10.79 -8.94 9.44
C ALA B 206 9.40 -9.12 10.02
N THR B 207 9.25 -8.81 11.30
CA THR B 207 7.98 -8.91 11.98
C THR B 207 7.60 -7.54 12.52
N LEU B 208 6.35 -7.15 12.30
CA LEU B 208 5.83 -5.90 12.77
C LEU B 208 4.76 -6.23 13.74
N GLU B 209 4.79 -5.62 14.91
CA GLU B 209 3.77 -5.88 15.86
C GLU B 209 3.15 -4.56 16.17
N SER B 210 1.83 -4.50 16.07
CA SER B 210 1.03 -3.30 16.31
C SER B 210 1.29 -2.04 15.51
N LEU B 211 1.35 -2.15 14.19
CA LEU B 211 1.55 -1.00 13.33
C LEU B 211 0.25 -0.25 13.12
N ALA B 212 0.29 1.06 13.31
CA ALA B 212 -0.88 1.92 13.18
C ALA B 212 -0.49 3.19 12.45
N ILE B 213 -1.37 3.65 11.55
CA ILE B 213 -1.16 4.87 10.80
C ILE B 213 -2.32 5.80 11.10
N TYR B 214 -2.01 7.06 11.44
CA TYR B 214 -3.05 8.03 11.74
C TYR B 214 -2.88 9.25 10.85
N TRP B 215 -4.01 9.83 10.45
CA TRP B 215 -4.06 11.02 9.60
C TRP B 215 -4.97 12.02 10.30
N ASP B 216 -4.37 12.98 10.99
CA ASP B 216 -5.10 14.02 11.71
C ASP B 216 -5.32 15.21 10.79
N THR B 217 -6.57 15.53 10.54
CA THR B 217 -6.94 16.72 9.79
C THR B 217 -7.26 17.86 10.75
N ASP B 218 -6.87 19.07 10.38
CA ASP B 218 -7.02 20.24 11.24
C ASP B 218 -6.35 19.98 12.59
N ALA B 219 -5.15 19.41 12.53
CA ALA B 219 -4.47 18.89 13.71
C ALA B 219 -3.84 20.02 14.52
N LYS B 220 -3.55 19.71 15.77
CA LYS B 220 -2.82 20.60 16.67
C LYS B 220 -1.35 20.19 16.62
N LEU B 221 -0.52 21.08 16.11
CA LEU B 221 0.86 20.73 15.77
C LEU B 221 1.78 21.03 16.94
N ILE B 222 2.70 20.12 17.18
CA ILE B 222 3.67 20.30 18.22
C ILE B 222 4.48 21.50 17.83
N GLY B 223 4.94 21.46 16.60
CA GLY B 223 5.71 22.51 15.99
C GLY B 223 7.12 22.46 16.48
N PRO B 224 7.94 23.38 15.99
CA PRO B 224 9.33 23.50 16.41
C PRO B 224 9.27 24.45 17.58
N GLY B 225 8.49 24.07 18.59
CA GLY B 225 8.28 24.83 19.80
C GLY B 225 9.38 24.64 20.83
N ARG B 226 10.28 23.71 20.56
CA ARG B 226 11.40 23.45 21.46
C ARG B 226 11.00 23.21 22.90
N GLU B 227 10.19 22.20 23.14
CA GLU B 227 9.79 21.89 24.50
C GLU B 227 10.08 20.42 24.78
N HIS B 228 11.37 20.11 24.88
CA HIS B 228 11.84 18.77 25.15
C HIS B 228 11.21 18.33 26.45
N LEU B 235 8.67 15.46 23.72
CA LEU B 235 9.04 14.20 24.32
C LEU B 235 7.85 13.63 25.09
N LYS B 236 7.15 14.47 25.83
CA LYS B 236 5.98 14.02 26.55
C LYS B 236 4.94 13.51 25.58
N PHE B 237 4.75 14.24 24.49
CA PHE B 237 3.75 13.90 23.51
C PHE B 237 3.98 12.53 22.93
N PHE B 238 5.22 12.16 22.66
CA PHE B 238 5.41 10.82 22.12
C PHE B 238 5.22 9.75 23.21
N ARG B 239 5.37 10.16 24.47
CA ARG B 239 5.18 9.33 25.67
C ARG B 239 3.71 8.89 25.76
N GLU B 240 2.80 9.81 25.47
CA GLU B 240 1.39 9.50 25.42
C GLU B 240 1.12 8.47 24.33
N ILE B 242 2.84 5.97 23.44
CA ILE B 242 3.08 4.57 23.77
C ILE B 242 1.78 4.00 24.31
N ALA B 243 1.17 4.84 25.11
CA ALA B 243 -0.12 4.71 25.86
C ALA B 243 0.17 4.63 27.35
N SER B 250 -5.91 6.81 21.10
CA SER B 250 -7.30 6.35 21.00
C SER B 250 -8.12 7.32 20.14
N SER B 251 -8.94 8.14 20.80
CA SER B 251 -9.78 9.10 20.11
C SER B 251 -9.10 10.46 19.94
N GLU B 252 -7.87 10.62 20.41
CA GLU B 252 -7.10 11.82 20.17
C GLU B 252 -6.42 11.81 18.80
N HIS B 253 -6.50 10.71 18.07
CA HIS B 253 -6.02 10.61 16.70
C HIS B 253 -7.09 9.97 15.84
N GLN B 254 -7.05 10.27 14.55
CA GLN B 254 -7.92 9.65 13.56
C GLN B 254 -7.10 8.62 12.78
N PHE B 255 -7.32 7.34 13.09
CA PHE B 255 -6.48 6.27 12.57
C PHE B 255 -7.06 5.75 11.25
N ILE B 256 -6.34 5.97 10.16
CA ILE B 256 -6.72 5.31 8.91
C ILE B 256 -6.37 3.84 8.95
N LEU B 257 -5.42 3.44 9.80
CA LEU B 257 -5.03 2.04 9.95
C LEU B 257 -5.00 1.68 11.42
N LYS B 258 -5.93 0.83 11.83
CA LYS B 258 -5.95 0.35 13.20
C LYS B 258 -4.83 -0.68 13.42
N PRO B 259 -4.30 -0.76 14.64
CA PRO B 259 -3.11 -1.60 14.89
C PRO B 259 -3.23 -3.01 14.32
N VAL B 260 -2.21 -3.40 13.56
CA VAL B 260 -2.14 -4.70 12.91
C VAL B 260 -0.74 -5.26 13.13
N SER B 261 -0.67 -6.59 13.23
CA SER B 261 0.61 -7.29 13.34
C SER B 261 0.77 -8.24 12.17
N GLY B 262 2.01 -8.42 11.74
CA GLY B 262 2.25 -9.24 10.56
C GLY B 262 3.70 -9.60 10.40
N GLN B 263 3.95 -10.38 9.36
CA GLN B 263 5.23 -11.01 9.11
C GLN B 263 5.53 -10.92 7.62
N ALA B 264 6.73 -10.45 7.31
CA ALA B 264 7.21 -10.29 5.94
C ALA B 264 8.41 -11.21 5.75
N LYS B 265 8.32 -12.08 4.76
CA LYS B 265 9.41 -12.95 4.35
C LYS B 265 9.96 -12.40 3.02
N ILE B 266 11.10 -11.71 3.11
CA ILE B 266 11.71 -11.06 1.96
C ILE B 266 12.87 -11.91 1.47
N GLU B 267 12.92 -12.12 0.15
CA GLU B 267 14.07 -12.73 -0.51
C GLU B 267 14.61 -11.73 -1.51
N ILE B 268 15.86 -11.32 -1.30
CA ILE B 268 16.58 -10.43 -2.20
C ILE B 268 17.56 -11.24 -3.02
N ASP B 269 17.74 -10.83 -4.26
CA ASP B 269 18.73 -11.42 -5.15
C ASP B 269 19.82 -10.41 -5.42
N LYS B 270 21.05 -10.76 -5.02
CA LYS B 270 22.21 -9.92 -5.26
C LYS B 270 22.89 -10.22 -6.59
N THR B 271 22.47 -11.28 -7.28
CA THR B 271 23.08 -11.64 -8.56
C THR B 271 22.98 -10.50 -9.55
N GLY B 272 21.83 -9.83 -9.62
CA GLY B 272 21.54 -8.96 -10.72
C GLY B 272 21.07 -9.69 -11.96
N SER B 273 20.86 -11.00 -11.88
CA SER B 273 20.41 -11.77 -13.03
C SER B 273 18.97 -11.42 -13.38
N HIS B 274 18.71 -11.30 -14.69
CA HIS B 274 17.34 -11.06 -15.14
C HIS B 274 16.44 -12.26 -14.88
N THR B 275 17.04 -13.46 -14.80
CA THR B 275 16.25 -14.69 -14.70
C THR B 275 15.39 -14.72 -13.44
N VAL B 276 15.89 -14.18 -12.35
CA VAL B 276 15.22 -14.32 -11.05
C VAL B 276 14.74 -12.94 -10.61
N PRO B 277 13.62 -12.84 -9.88
CA PRO B 277 13.16 -11.53 -9.42
C PRO B 277 14.12 -10.90 -8.44
N ARG B 278 14.40 -9.60 -8.64
CA ARG B 278 15.27 -8.88 -7.74
C ARG B 278 14.71 -8.85 -6.32
N TYR B 279 13.41 -8.59 -6.18
CA TYR B 279 12.75 -8.51 -4.89
C TYR B 279 11.59 -9.50 -4.83
N LYS B 280 11.55 -10.29 -3.76
CA LYS B 280 10.41 -11.11 -3.43
C LYS B 280 9.98 -10.82 -2.01
N ALA B 281 8.67 -10.84 -1.76
CA ALA B 281 8.16 -10.62 -0.43
C ALA B 281 6.86 -11.39 -0.27
N ASN B 282 6.70 -12.01 0.90
CA ASN B 282 5.49 -12.75 1.24
C ASN B 282 4.99 -12.22 2.58
N LEU B 283 3.75 -11.72 2.59
CA LEU B 283 3.21 -11.04 3.76
C LEU B 283 2.04 -11.83 4.33
N LEU B 284 2.12 -12.14 5.63
CA LEU B 284 1.04 -12.76 6.38
C LEU B 284 0.65 -11.79 7.49
N PHE B 285 -0.58 -11.32 7.46
CA PHE B 285 -1.02 -10.32 8.40
C PHE B 285 -2.28 -10.69 9.09
N ASP B 286 -2.58 -9.90 10.12
CA ASP B 286 -3.79 -9.96 10.96
C ASP B 286 -4.92 -9.17 10.29
N GLU B 287 -6.13 -9.22 10.84
CA GLU B 287 -7.23 -8.53 10.23
C GLU B 287 -6.78 -7.11 10.14
N ILE B 288 -6.89 -6.52 8.96
CA ILE B 288 -6.48 -5.16 8.76
C ILE B 288 -7.70 -4.29 8.79
N GLY B 289 -7.70 -3.32 9.68
CA GLY B 289 -8.84 -2.43 9.79
C GLY B 289 -8.50 -1.04 9.34
N VAL B 290 -9.08 -0.61 8.22
CA VAL B 290 -8.86 0.72 7.67
C VAL B 290 -10.14 1.53 7.82
N VAL B 291 -9.96 2.82 8.11
CA VAL B 291 -11.04 3.74 8.43
C VAL B 291 -10.77 5.07 7.75
N LEU B 292 -11.78 5.62 7.08
CA LEU B 292 -11.67 6.90 6.40
C LEU B 292 -12.62 7.91 7.04
N ASP B 293 -12.06 8.98 7.60
CA ASP B 293 -12.87 10.10 8.04
C ASP B 293 -13.56 10.75 6.85
N ASP B 294 -14.62 11.51 7.14
CA ASP B 294 -15.17 12.38 6.11
C ASP B 294 -14.23 13.55 5.83
N GLN B 295 -13.54 14.04 6.88
CA GLN B 295 -12.54 15.08 6.67
C GLN B 295 -11.35 14.56 5.87
N GLN B 296 -10.89 13.34 6.17
CA GLN B 296 -9.77 12.77 5.44
C GLN B 296 -10.12 12.50 3.99
N TYR B 297 -11.37 12.11 3.73
CA TYR B 297 -11.80 11.81 2.36
C TYR B 297 -11.84 13.07 1.50
N ARG B 298 -12.17 14.22 2.08
CA ARG B 298 -12.12 15.47 1.33
C ARG B 298 -10.69 15.89 1.03
N ASP B 299 -9.74 15.56 1.91
CA ASP B 299 -8.34 15.86 1.72
C ASP B 299 -7.60 14.76 0.96
N ALA B 300 -8.30 13.73 0.49
CA ALA B 300 -7.63 12.56 -0.08
C ALA B 300 -6.88 12.91 -1.35
N LEU B 301 -7.51 13.66 -2.26
CA LEU B 301 -6.87 13.96 -3.54
C LEU B 301 -5.63 14.82 -3.35
N VAL B 304 -2.90 12.53 -2.30
CA VAL B 304 -2.29 11.83 -3.43
C VAL B 304 -1.28 12.74 -4.12
N ASP B 305 -1.68 13.97 -4.42
CA ASP B 305 -0.76 15.00 -4.87
C ASP B 305 0.52 15.02 -4.03
N LEU B 306 0.36 15.04 -2.70
CA LEU B 306 1.51 15.15 -1.81
C LEU B 306 2.44 13.95 -1.94
N PHE B 307 1.89 12.74 -1.92
CA PHE B 307 2.74 11.55 -2.08
C PHE B 307 3.55 11.64 -3.36
N HIS B 308 2.91 11.99 -4.47
CA HIS B 308 3.65 12.07 -5.74
C HIS B 308 4.73 13.15 -5.69
N TYR B 309 4.37 14.36 -5.24
CA TYR B 309 5.33 15.45 -5.14
C TYR B 309 6.54 15.05 -4.31
N PHE B 310 6.30 14.37 -3.19
CA PHE B 310 7.40 13.89 -2.35
C PHE B 310 8.27 12.90 -3.11
N ILE B 311 7.65 11.89 -3.72
CA ILE B 311 8.40 10.86 -4.44
C ILE B 311 9.27 11.49 -5.52
N ARG B 312 8.73 12.46 -6.25
CA ARG B 312 9.38 13.02 -7.43
C ARG B 312 10.21 14.26 -7.14
N HIS B 313 10.38 14.63 -5.90
CA HIS B 313 11.10 15.85 -5.60
C HIS B 313 12.52 15.89 -6.03
N GLN B 314 13.18 14.75 -6.12
CA GLN B 314 14.58 14.74 -6.49
C GLN B 314 14.86 15.33 -7.86
N GLU B 315 14.01 15.04 -8.82
CA GLU B 315 14.16 15.52 -10.16
C GLU B 315 13.95 17.01 -10.39
N TYR B 316 13.40 17.70 -9.43
CA TYR B 316 13.12 19.13 -9.59
C TYR B 316 14.07 19.98 -8.74
N LYS B 317 15.30 19.54 -8.63
CA LYS B 317 16.26 20.24 -7.82
C LYS B 317 16.46 21.62 -8.40
N LYS B 318 16.61 22.61 -7.54
CA LYS B 318 16.95 23.92 -8.03
C LYS B 318 18.34 24.34 -7.61
N PHE B 319 19.18 24.62 -8.59
CA PHE B 319 20.54 25.07 -8.41
C PHE B 319 20.55 26.54 -8.11
N GLN B 320 21.68 27.07 -7.69
CA GLN B 320 21.73 28.49 -7.38
C GLN B 320 23.16 29.00 -7.50
#